data_1UIR
#
_entry.id   1UIR
#
_cell.length_a   87.775
_cell.length_b   87.775
_cell.length_c   190.825
_cell.angle_alpha   90.00
_cell.angle_beta   90.00
_cell.angle_gamma   90.00
#
_symmetry.space_group_name_H-M   'P 43 21 2'
#
loop_
_entity.id
_entity.type
_entity.pdbx_description
1 polymer 'Polyamine Aminopropyltransferase'
2 water water
#
_entity_poly.entity_id   1
_entity_poly.type   'polypeptide(L)'
_entity_poly.pdbx_seq_one_letter_code
;MDYGMYFFEHVTPYETLVRRMERVIASGKTPFQDYFLFESKGFGKVLILDKDVQSTERDEYIYHETLVHPAMLTHPEPKR
VLIVGGGEGATLREVLKHPTVEKAVMVDIDGELVEVAKRHMPEWHQGAFDDPRAVLVIDDARAYLERTEERYDVVIIDLT
DPVGEDNPARLLYTVEFYRLVKAHLNPGGVMGMQTGMILLTHHRVHPVVHRTVREAFRYVRSYKNHIPGFFLNFGFLLAS
DAFDPAAFSEGVIEARIRERNLALRHLTAPYLEAMFVLPKDLLEALEKETMVSTDQNPFYVTPEGEARQAPYKG
;
_entity_poly.pdbx_strand_id   A,B
#
# COMPACT_ATOMS: atom_id res chain seq x y z
N MET A 1 -17.90 8.59 -13.32
CA MET A 1 -18.57 7.92 -12.17
C MET A 1 -20.09 8.11 -12.25
N ASP A 2 -20.81 7.26 -11.53
CA ASP A 2 -22.27 7.33 -11.52
C ASP A 2 -22.81 8.49 -10.68
N TYR A 3 -23.98 8.99 -11.07
CA TYR A 3 -24.61 10.06 -10.30
C TYR A 3 -25.10 9.34 -9.05
N GLY A 4 -25.46 10.09 -8.02
CA GLY A 4 -25.92 9.43 -6.80
C GLY A 4 -25.39 10.09 -5.55
N MET A 5 -25.50 9.38 -4.42
CA MET A 5 -25.03 9.89 -3.14
C MET A 5 -23.56 9.56 -2.97
N TYR A 6 -22.80 10.53 -2.49
CA TYR A 6 -21.38 10.32 -2.31
C TYR A 6 -20.89 11.03 -1.09
N PHE A 7 -19.76 10.57 -0.60
CA PHE A 7 -19.16 11.23 0.53
C PHE A 7 -17.84 11.78 0.05
N PHE A 8 -17.57 13.04 0.38
CA PHE A 8 -16.32 13.68 -0.02
C PHE A 8 -15.29 13.50 1.07
N GLU A 9 -14.37 12.57 0.87
CA GLU A 9 -13.37 12.33 1.90
C GLU A 9 -12.04 13.04 1.68
N HIS A 10 -11.63 13.80 2.68
CA HIS A 10 -10.36 14.48 2.61
C HIS A 10 -9.31 13.38 2.67
N VAL A 11 -8.25 13.53 1.90
CA VAL A 11 -7.16 12.54 1.97
C VAL A 11 -5.92 13.38 2.16
N THR A 12 -5.72 14.35 1.27
CA THR A 12 -4.60 15.27 1.34
C THR A 12 -5.20 16.62 0.89
N PRO A 13 -4.40 17.70 0.90
CA PRO A 13 -5.03 18.93 0.45
C PRO A 13 -5.20 18.98 -1.07
N TYR A 14 -4.61 18.03 -1.78
CA TYR A 14 -4.69 18.01 -3.25
C TYR A 14 -5.39 16.80 -3.85
N GLU A 15 -5.74 15.85 -3.00
CA GLU A 15 -6.44 14.66 -3.44
C GLU A 15 -7.63 14.38 -2.51
N THR A 16 -8.78 14.14 -3.12
CA THR A 16 -9.98 13.86 -2.35
C THR A 16 -10.64 12.58 -2.85
N LEU A 17 -11.07 11.73 -1.95
CA LEU A 17 -11.74 10.51 -2.36
C LEU A 17 -13.25 10.73 -2.30
N VAL A 18 -13.92 10.46 -3.41
CA VAL A 18 -15.36 10.60 -3.48
C VAL A 18 -15.89 9.16 -3.48
N ARG A 19 -16.46 8.75 -2.36
CA ARG A 19 -16.94 7.39 -2.18
C ARG A 19 -18.45 7.30 -2.32
N ARG A 20 -18.89 6.37 -3.16
CA ARG A 20 -20.31 6.17 -3.40
C ARG A 20 -21.03 5.59 -2.20
N MET A 21 -22.13 6.20 -1.80
CA MET A 21 -22.93 5.70 -0.68
C MET A 21 -24.19 5.05 -1.26
N GLU A 22 -24.36 3.75 -1.03
CA GLU A 22 -25.54 3.04 -1.52
C GLU A 22 -26.73 3.44 -0.66
N ARG A 23 -26.48 3.58 0.63
CA ARG A 23 -27.50 3.95 1.58
C ARG A 23 -26.81 4.48 2.83
N VAL A 24 -27.42 5.45 3.51
CA VAL A 24 -26.85 5.99 4.74
C VAL A 24 -27.54 5.32 5.92
N ILE A 25 -26.77 4.54 6.66
CA ILE A 25 -27.23 3.80 7.81
C ILE A 25 -27.47 4.71 8.99
N ALA A 26 -26.50 5.58 9.25
CA ALA A 26 -26.62 6.51 10.35
C ALA A 26 -25.67 7.69 10.13
N SER A 27 -26.12 8.88 10.52
CA SER A 27 -25.31 10.07 10.38
C SER A 27 -25.71 10.97 11.51
N GLY A 28 -24.74 11.63 12.12
CA GLY A 28 -25.06 12.50 13.23
C GLY A 28 -23.86 13.27 13.76
N LYS A 29 -24.01 13.74 14.99
CA LYS A 29 -22.97 14.51 15.66
C LYS A 29 -22.97 14.27 17.15
N THR A 30 -21.80 13.98 17.69
CA THR A 30 -21.64 13.78 19.13
C THR A 30 -21.03 15.09 19.62
N PRO A 31 -20.71 15.19 20.91
CA PRO A 31 -20.12 16.44 21.39
C PRO A 31 -18.64 16.54 21.00
N PHE A 32 -18.11 15.49 20.37
CA PHE A 32 -16.71 15.46 19.99
C PHE A 32 -16.44 15.45 18.50
N GLN A 33 -17.37 14.94 17.70
CA GLN A 33 -17.15 14.87 16.27
C GLN A 33 -18.41 14.45 15.51
N ASP A 34 -18.36 14.61 14.20
CA ASP A 34 -19.47 14.20 13.36
C ASP A 34 -19.19 12.77 12.91
N TYR A 35 -20.24 12.01 12.63
CA TYR A 35 -20.03 10.64 12.17
C TYR A 35 -20.99 10.33 11.03
N PHE A 36 -20.53 9.52 10.08
CA PHE A 36 -21.35 9.12 8.95
C PHE A 36 -21.10 7.64 8.75
N LEU A 37 -22.14 6.84 8.76
CA LEU A 37 -21.96 5.41 8.54
C LEU A 37 -22.80 5.06 7.33
N PHE A 38 -22.17 4.59 6.27
CA PHE A 38 -22.89 4.23 5.08
C PHE A 38 -22.51 2.92 4.44
N GLU A 39 -23.41 2.40 3.61
CA GLU A 39 -23.20 1.15 2.87
C GLU A 39 -22.52 1.48 1.56
N SER A 40 -21.44 0.76 1.25
CA SER A 40 -20.75 0.94 -0.02
C SER A 40 -20.68 -0.47 -0.58
N LYS A 41 -20.77 -0.60 -1.89
CA LYS A 41 -20.75 -1.90 -2.52
C LYS A 41 -19.40 -2.62 -2.46
N GLY A 42 -18.32 -1.85 -2.37
CA GLY A 42 -17.00 -2.45 -2.34
C GLY A 42 -16.51 -2.86 -0.96
N PHE A 43 -16.39 -1.88 -0.07
CA PHE A 43 -15.92 -2.13 1.29
C PHE A 43 -17.01 -2.42 2.31
N GLY A 44 -18.26 -2.44 1.86
CA GLY A 44 -19.35 -2.69 2.79
C GLY A 44 -19.58 -1.44 3.61
N LYS A 45 -19.89 -1.59 4.89
CA LYS A 45 -20.14 -0.42 5.73
C LYS A 45 -18.88 0.43 5.94
N VAL A 46 -19.04 1.74 5.88
CA VAL A 46 -17.93 2.66 6.06
C VAL A 46 -18.28 3.73 7.08
N LEU A 47 -17.38 3.90 8.06
CA LEU A 47 -17.55 4.88 9.11
C LEU A 47 -16.63 6.08 8.85
N ILE A 48 -17.23 7.26 8.77
CA ILE A 48 -16.46 8.48 8.58
C ILE A 48 -16.54 9.26 9.87
N LEU A 49 -15.42 9.75 10.37
CA LEU A 49 -15.43 10.58 11.58
C LEU A 49 -14.91 11.93 11.12
N ASP A 50 -15.80 12.91 11.15
CA ASP A 50 -15.52 14.27 10.70
C ASP A 50 -15.35 14.27 9.19
N LYS A 51 -14.12 14.34 8.71
CA LYS A 51 -13.90 14.35 7.27
C LYS A 51 -13.03 13.21 6.80
N ASP A 52 -12.64 12.31 7.70
CA ASP A 52 -11.76 11.22 7.32
C ASP A 52 -12.34 9.85 7.60
N VAL A 53 -12.09 8.90 6.71
CA VAL A 53 -12.58 7.55 6.88
C VAL A 53 -11.93 6.98 8.12
N GLN A 54 -12.74 6.41 9.00
CA GLN A 54 -12.25 5.83 10.24
C GLN A 54 -12.07 4.31 10.09
N SER A 55 -12.95 3.66 9.34
CA SER A 55 -12.84 2.21 9.16
C SER A 55 -13.86 1.70 8.16
N THR A 56 -13.58 0.56 7.55
CA THR A 56 -14.52 -0.05 6.61
C THR A 56 -14.68 -1.50 7.02
N GLU A 57 -15.90 -1.97 6.88
CA GLU A 57 -16.29 -3.32 7.26
C GLU A 57 -15.44 -4.45 6.67
N ARG A 58 -15.24 -4.41 5.35
CA ARG A 58 -14.52 -5.50 4.70
C ARG A 58 -12.99 -5.46 4.72
N ASP A 59 -12.38 -4.38 5.19
CA ASP A 59 -10.92 -4.36 5.29
C ASP A 59 -10.43 -4.12 6.70
N GLU A 60 -11.34 -3.88 7.65
CA GLU A 60 -10.89 -3.61 9.01
C GLU A 60 -10.05 -4.73 9.63
N TYR A 61 -10.25 -5.98 9.21
CA TYR A 61 -9.46 -7.06 9.81
C TYR A 61 -7.97 -6.82 9.54
N ILE A 62 -7.65 -6.27 8.36
CA ILE A 62 -6.26 -5.99 8.00
C ILE A 62 -5.67 -4.93 8.94
N TYR A 63 -6.39 -3.83 9.10
CA TYR A 63 -5.94 -2.77 9.96
C TYR A 63 -5.82 -3.22 11.41
N HIS A 64 -6.83 -3.91 11.91
CA HIS A 64 -6.80 -4.34 13.30
C HIS A 64 -5.79 -5.44 13.59
N GLU A 65 -5.59 -6.38 12.65
CA GLU A 65 -4.58 -7.41 12.89
C GLU A 65 -3.20 -6.74 12.89
N THR A 66 -3.00 -5.80 11.96
CA THR A 66 -1.74 -5.08 11.83
C THR A 66 -1.45 -4.23 13.07
N LEU A 67 -2.49 -3.59 13.58
CA LEU A 67 -2.37 -2.75 14.76
C LEU A 67 -2.10 -3.48 16.06
N VAL A 68 -2.77 -4.62 16.25
CA VAL A 68 -2.68 -5.37 17.49
C VAL A 68 -1.66 -6.49 17.68
N HIS A 69 -1.63 -7.42 16.75
CA HIS A 69 -0.75 -8.56 16.91
C HIS A 69 0.76 -8.40 16.93
N PRO A 70 1.31 -7.41 16.21
CA PRO A 70 2.77 -7.36 16.34
C PRO A 70 3.19 -7.12 17.80
N ALA A 71 2.52 -6.20 18.49
CA ALA A 71 2.85 -5.93 19.90
C ALA A 71 2.49 -7.11 20.79
N MET A 72 1.32 -7.70 20.55
CA MET A 72 0.86 -8.81 21.36
C MET A 72 1.74 -10.04 21.19
N LEU A 73 2.11 -10.33 19.95
CA LEU A 73 2.94 -11.49 19.65
C LEU A 73 4.39 -11.32 20.07
N THR A 74 4.89 -10.09 20.07
CA THR A 74 6.28 -9.89 20.47
C THR A 74 6.43 -9.96 21.99
N HIS A 75 5.30 -9.91 22.71
CA HIS A 75 5.34 -10.02 24.16
C HIS A 75 5.16 -11.51 24.50
N PRO A 76 6.13 -12.09 25.24
CA PRO A 76 6.05 -13.51 25.59
C PRO A 76 4.76 -13.99 26.30
N GLU A 77 4.12 -13.13 27.09
CA GLU A 77 2.90 -13.53 27.79
C GLU A 77 2.09 -12.33 28.27
N PRO A 78 1.34 -11.68 27.35
CA PRO A 78 0.55 -10.53 27.78
C PRO A 78 -0.69 -10.95 28.57
N LYS A 79 -0.83 -10.46 29.79
CA LYS A 79 -2.00 -10.79 30.62
C LYS A 79 -2.92 -9.60 30.80
N ARG A 80 -2.35 -8.40 30.85
CA ARG A 80 -3.13 -7.17 31.02
C ARG A 80 -2.87 -6.20 29.89
N VAL A 81 -3.92 -5.81 29.19
CA VAL A 81 -3.77 -4.91 28.05
C VAL A 81 -4.64 -3.67 28.17
N LEU A 82 -4.08 -2.54 27.70
CA LEU A 82 -4.76 -1.26 27.71
C LEU A 82 -4.92 -0.77 26.26
N ILE A 83 -6.15 -0.47 25.88
CA ILE A 83 -6.41 0.04 24.55
C ILE A 83 -6.84 1.50 24.71
N VAL A 84 -6.14 2.39 24.02
CA VAL A 84 -6.47 3.82 24.07
C VAL A 84 -7.04 4.09 22.70
N GLY A 85 -8.34 4.37 22.64
CA GLY A 85 -8.99 4.60 21.36
C GLY A 85 -9.67 3.31 20.93
N GLY A 86 -9.66 3.04 19.63
CA GLY A 86 -10.29 1.83 19.11
C GLY A 86 -11.76 1.70 19.46
N GLY A 87 -12.50 2.78 19.25
CA GLY A 87 -13.92 2.79 19.59
C GLY A 87 -14.87 1.83 18.89
N GLU A 88 -14.49 1.28 17.74
CA GLU A 88 -15.36 0.34 17.03
C GLU A 88 -15.51 -0.99 17.77
N GLY A 89 -14.53 -1.33 18.59
CA GLY A 89 -14.57 -2.59 19.31
C GLY A 89 -13.75 -3.71 18.67
N ALA A 90 -13.20 -3.47 17.49
CA ALA A 90 -12.40 -4.48 16.79
C ALA A 90 -10.97 -4.63 17.36
N THR A 91 -10.42 -3.53 17.89
CA THR A 91 -9.09 -3.57 18.48
C THR A 91 -9.17 -4.49 19.71
N LEU A 92 -10.24 -4.35 20.46
CA LEU A 92 -10.48 -5.18 21.65
C LEU A 92 -10.66 -6.64 21.19
N ARG A 93 -11.42 -6.82 20.12
CA ARG A 93 -11.66 -8.15 19.55
C ARG A 93 -10.35 -8.89 19.27
N GLU A 94 -9.40 -8.22 18.61
CA GLU A 94 -8.13 -8.86 18.29
C GLU A 94 -7.29 -9.11 19.54
N VAL A 95 -7.30 -8.16 20.46
CA VAL A 95 -6.54 -8.30 21.71
C VAL A 95 -7.03 -9.53 22.49
N LEU A 96 -8.35 -9.67 22.57
CA LEU A 96 -8.96 -10.77 23.30
C LEU A 96 -8.68 -12.18 22.75
N LYS A 97 -8.12 -12.27 21.54
CA LYS A 97 -7.81 -13.58 20.93
C LYS A 97 -6.59 -14.25 21.58
N HIS A 98 -5.77 -13.47 22.26
CA HIS A 98 -4.60 -14.02 22.91
C HIS A 98 -5.10 -14.64 24.22
N PRO A 99 -4.97 -15.98 24.35
CA PRO A 99 -5.42 -16.70 25.55
C PRO A 99 -4.81 -16.26 26.88
N THR A 100 -3.65 -15.64 26.84
CA THR A 100 -3.03 -15.19 28.09
C THR A 100 -3.66 -13.91 28.62
N VAL A 101 -4.51 -13.30 27.82
CA VAL A 101 -5.17 -12.07 28.25
C VAL A 101 -6.21 -12.34 29.31
N GLU A 102 -6.02 -11.70 30.47
CA GLU A 102 -6.93 -11.85 31.60
C GLU A 102 -7.78 -10.59 31.75
N LYS A 103 -7.24 -9.46 31.35
CA LYS A 103 -7.98 -8.21 31.45
C LYS A 103 -7.57 -7.26 30.34
N ALA A 104 -8.57 -6.67 29.71
CA ALA A 104 -8.35 -5.72 28.63
C ALA A 104 -9.22 -4.50 28.88
N VAL A 105 -8.57 -3.39 29.22
CA VAL A 105 -9.25 -2.14 29.48
C VAL A 105 -9.17 -1.22 28.26
N MET A 106 -10.33 -0.74 27.83
CA MET A 106 -10.43 0.14 26.68
C MET A 106 -10.89 1.51 27.16
N VAL A 107 -10.11 2.55 26.88
CA VAL A 107 -10.43 3.91 27.29
C VAL A 107 -10.71 4.80 26.07
N ASP A 108 -11.92 5.33 25.97
CA ASP A 108 -12.28 6.20 24.86
C ASP A 108 -13.10 7.40 25.34
N ILE A 109 -12.83 8.56 24.76
CA ILE A 109 -13.49 9.81 25.13
C ILE A 109 -14.95 9.94 24.71
N ASP A 110 -15.31 9.38 23.56
CA ASP A 110 -16.65 9.52 23.02
C ASP A 110 -17.59 8.32 23.25
N GLY A 111 -18.32 8.37 24.36
CA GLY A 111 -19.25 7.29 24.67
C GLY A 111 -20.37 7.19 23.66
N GLU A 112 -20.82 8.33 23.16
CA GLU A 112 -21.89 8.30 22.18
C GLU A 112 -21.44 7.58 20.90
N LEU A 113 -20.19 7.80 20.51
CA LEU A 113 -19.66 7.15 19.31
C LEU A 113 -19.60 5.63 19.51
N VAL A 114 -19.12 5.22 20.68
CA VAL A 114 -19.02 3.80 21.02
C VAL A 114 -20.42 3.17 20.91
N GLU A 115 -21.43 3.92 21.33
CA GLU A 115 -22.81 3.45 21.25
C GLU A 115 -23.24 3.25 19.80
N VAL A 116 -22.79 4.16 18.94
CA VAL A 116 -23.10 4.05 17.51
C VAL A 116 -22.51 2.73 16.98
N ALA A 117 -21.30 2.41 17.41
CA ALA A 117 -20.61 1.19 16.97
C ALA A 117 -21.34 -0.04 17.47
N LYS A 118 -21.70 -0.01 18.76
CA LYS A 118 -22.42 -1.12 19.37
C LYS A 118 -23.72 -1.43 18.65
N ARG A 119 -24.47 -0.39 18.30
CA ARG A 119 -25.73 -0.60 17.62
C ARG A 119 -25.68 -0.81 16.11
N HIS A 120 -24.73 -0.16 15.43
CA HIS A 120 -24.68 -0.27 13.98
C HIS A 120 -23.44 -0.94 13.39
N MET A 121 -22.50 -1.30 14.24
CA MET A 121 -21.27 -1.93 13.75
C MET A 121 -20.94 -3.27 14.42
N PRO A 122 -21.92 -4.19 14.46
CA PRO A 122 -21.69 -5.51 15.08
C PRO A 122 -20.59 -6.32 14.35
N GLU A 123 -20.36 -5.98 13.08
CA GLU A 123 -19.34 -6.65 12.28
C GLU A 123 -17.96 -6.39 12.87
N TRP A 124 -17.81 -5.24 13.53
CA TRP A 124 -16.56 -4.85 14.16
C TRP A 124 -16.37 -5.48 15.55
N HIS A 125 -17.23 -5.16 16.50
CA HIS A 125 -17.05 -5.69 17.84
C HIS A 125 -17.28 -7.19 17.99
N GLN A 126 -18.18 -7.74 17.20
CA GLN A 126 -18.48 -9.17 17.23
C GLN A 126 -18.61 -9.69 18.65
N GLY A 127 -19.28 -8.90 19.49
CA GLY A 127 -19.49 -9.29 20.88
C GLY A 127 -18.33 -9.10 21.84
N ALA A 128 -17.25 -8.48 21.38
CA ALA A 128 -16.07 -8.27 22.23
C ALA A 128 -16.34 -7.45 23.49
N PHE A 129 -17.25 -6.49 23.41
CA PHE A 129 -17.55 -5.65 24.58
C PHE A 129 -18.16 -6.49 25.72
N ASP A 130 -18.84 -7.57 25.35
CA ASP A 130 -19.47 -8.43 26.34
C ASP A 130 -18.57 -9.54 26.85
N ASP A 131 -17.28 -9.44 26.57
CA ASP A 131 -16.34 -10.44 27.06
C ASP A 131 -16.06 -10.11 28.54
N PRO A 132 -16.14 -11.10 29.43
CA PRO A 132 -15.88 -10.85 30.85
C PRO A 132 -14.53 -10.20 31.15
N ARG A 133 -13.57 -10.38 30.25
CA ARG A 133 -12.23 -9.82 30.43
C ARG A 133 -12.14 -8.36 29.95
N ALA A 134 -13.19 -7.88 29.31
CA ALA A 134 -13.19 -6.52 28.78
C ALA A 134 -13.81 -5.48 29.72
N VAL A 135 -13.16 -4.32 29.79
CA VAL A 135 -13.64 -3.22 30.62
C VAL A 135 -13.60 -1.92 29.84
N LEU A 136 -14.78 -1.38 29.56
CA LEU A 136 -14.90 -0.13 28.82
C LEU A 136 -14.94 1.04 29.78
N VAL A 137 -14.11 2.04 29.49
CA VAL A 137 -14.02 3.25 30.29
C VAL A 137 -14.14 4.47 29.38
N ILE A 138 -15.17 5.28 29.59
CA ILE A 138 -15.35 6.46 28.76
C ILE A 138 -14.71 7.63 29.47
N ASP A 139 -13.55 8.06 28.97
CA ASP A 139 -12.83 9.16 29.58
C ASP A 139 -11.63 9.60 28.72
N ASP A 140 -10.99 10.68 29.14
CA ASP A 140 -9.81 11.21 28.46
C ASP A 140 -8.66 10.30 28.86
N ALA A 141 -7.97 9.77 27.86
CA ALA A 141 -6.85 8.87 28.09
C ALA A 141 -5.86 9.40 29.14
N ARG A 142 -5.38 10.63 28.97
CA ARG A 142 -4.42 11.18 29.92
C ARG A 142 -5.02 11.31 31.31
N ALA A 143 -6.24 11.82 31.38
CA ALA A 143 -6.92 11.97 32.67
C ALA A 143 -6.97 10.60 33.36
N TYR A 144 -7.43 9.59 32.62
CA TYR A 144 -7.53 8.25 33.17
C TYR A 144 -6.17 7.74 33.63
N LEU A 145 -5.17 7.88 32.77
CA LEU A 145 -3.82 7.43 33.09
C LEU A 145 -3.22 8.17 34.28
N GLU A 146 -3.49 9.47 34.36
CA GLU A 146 -2.97 10.29 35.45
C GLU A 146 -3.57 9.87 36.80
N ARG A 147 -4.84 9.49 36.79
CA ARG A 147 -5.51 9.07 38.01
C ARG A 147 -5.19 7.63 38.39
N THR A 148 -5.42 6.70 37.47
CA THR A 148 -5.16 5.29 37.70
C THR A 148 -3.68 5.02 37.99
N GLU A 149 -3.38 3.83 38.49
CA GLU A 149 -2.02 3.44 38.77
C GLU A 149 -1.78 1.98 38.42
N GLU A 150 -2.79 1.35 37.82
CA GLU A 150 -2.66 -0.04 37.40
C GLU A 150 -1.69 -0.05 36.23
N ARG A 151 -0.91 -1.12 36.09
CA ARG A 151 0.04 -1.23 34.99
C ARG A 151 -0.35 -2.31 33.99
N TYR A 152 0.24 -2.27 32.79
CA TYR A 152 -0.10 -3.23 31.75
C TYR A 152 1.09 -3.87 31.05
N ASP A 153 0.87 -5.03 30.46
CA ASP A 153 1.92 -5.75 29.71
C ASP A 153 2.04 -5.15 28.32
N VAL A 154 0.90 -4.78 27.75
CA VAL A 154 0.81 -4.20 26.42
C VAL A 154 -0.17 -3.05 26.41
N VAL A 155 0.19 -1.98 25.72
CA VAL A 155 -0.66 -0.83 25.56
C VAL A 155 -0.75 -0.63 24.05
N ILE A 156 -1.97 -0.53 23.55
CA ILE A 156 -2.21 -0.32 22.13
C ILE A 156 -2.84 1.06 21.98
N ILE A 157 -2.18 1.93 21.22
CA ILE A 157 -2.74 3.27 20.99
C ILE A 157 -3.33 3.29 19.59
N ASP A 158 -4.64 3.48 19.53
CA ASP A 158 -5.38 3.50 18.28
C ASP A 158 -6.12 4.83 18.20
N LEU A 159 -5.37 5.89 17.90
CA LEU A 159 -5.91 7.24 17.81
C LEU A 159 -5.80 7.82 16.42
N THR A 160 -6.35 9.01 16.22
CA THR A 160 -6.29 9.70 14.95
C THR A 160 -5.20 10.76 14.99
N ASP A 161 -4.59 11.01 13.82
CA ASP A 161 -3.52 12.00 13.68
C ASP A 161 -3.92 13.36 14.23
N PRO A 162 -2.95 14.09 14.81
CA PRO A 162 -3.24 15.42 15.35
C PRO A 162 -3.19 16.48 14.25
N VAL A 163 -4.19 16.44 13.38
CA VAL A 163 -4.28 17.39 12.28
C VAL A 163 -5.20 18.51 12.71
N GLY A 164 -4.68 19.73 12.69
CA GLY A 164 -5.47 20.87 13.11
C GLY A 164 -4.93 21.42 14.41
N GLU A 165 -4.66 22.73 14.42
CA GLU A 165 -4.11 23.39 15.60
C GLU A 165 -4.98 23.30 16.85
N ASP A 166 -6.29 23.40 16.68
CA ASP A 166 -7.19 23.34 17.83
C ASP A 166 -7.59 21.92 18.23
N ASN A 167 -7.12 20.94 17.47
CA ASN A 167 -7.42 19.54 17.75
C ASN A 167 -6.81 19.10 19.08
N PRO A 168 -7.63 18.63 20.03
CA PRO A 168 -7.14 18.19 21.34
C PRO A 168 -6.30 16.92 21.26
N ALA A 169 -6.28 16.29 20.09
CA ALA A 169 -5.50 15.07 19.89
C ALA A 169 -4.01 15.38 20.07
N ARG A 170 -3.65 16.64 19.88
CA ARG A 170 -2.27 17.09 20.01
C ARG A 170 -1.67 16.66 21.34
N LEU A 171 -2.46 16.74 22.40
CA LEU A 171 -1.98 16.38 23.74
C LEU A 171 -1.76 14.89 23.94
N LEU A 172 -2.21 14.08 22.98
CA LEU A 172 -2.04 12.63 23.09
C LEU A 172 -0.87 12.15 22.22
N TYR A 173 -0.16 13.11 21.64
CA TYR A 173 0.98 12.79 20.78
C TYR A 173 2.27 13.48 21.23
N THR A 174 2.33 13.85 22.50
CA THR A 174 3.53 14.51 23.02
C THR A 174 4.44 13.51 23.69
N VAL A 175 5.71 13.87 23.86
CA VAL A 175 6.64 12.96 24.52
C VAL A 175 6.16 12.68 25.95
N GLU A 176 5.50 13.66 26.58
CA GLU A 176 5.00 13.44 27.94
C GLU A 176 3.92 12.36 27.96
N PHE A 177 3.04 12.37 26.96
CA PHE A 177 2.00 11.35 26.90
C PHE A 177 2.62 9.95 26.82
N TYR A 178 3.62 9.79 25.96
CA TYR A 178 4.26 8.50 25.80
C TYR A 178 4.99 8.07 27.07
N ARG A 179 5.48 9.05 27.82
CA ARG A 179 6.16 8.74 29.09
C ARG A 179 5.11 8.31 30.12
N LEU A 180 3.95 8.94 30.07
CA LEU A 180 2.85 8.61 30.97
C LEU A 180 2.43 7.17 30.67
N VAL A 181 2.36 6.83 29.37
CA VAL A 181 2.01 5.48 28.95
C VAL A 181 3.06 4.50 29.47
N LYS A 182 4.33 4.82 29.24
CA LYS A 182 5.42 3.95 29.66
C LYS A 182 5.40 3.72 31.17
N ALA A 183 4.94 4.73 31.90
CA ALA A 183 4.86 4.63 33.36
C ALA A 183 3.87 3.55 33.75
N HIS A 184 2.87 3.34 32.91
CA HIS A 184 1.86 2.32 33.19
C HIS A 184 2.16 0.97 32.57
N LEU A 185 3.43 0.71 32.29
CA LEU A 185 3.84 -0.56 31.70
C LEU A 185 4.60 -1.41 32.70
N ASN A 186 4.29 -2.70 32.73
CA ASN A 186 4.97 -3.63 33.61
C ASN A 186 6.37 -3.82 33.02
N PRO A 187 7.31 -4.36 33.80
CA PRO A 187 8.63 -4.56 33.21
C PRO A 187 8.47 -5.55 32.06
N GLY A 188 9.16 -5.30 30.96
CA GLY A 188 9.05 -6.19 29.81
C GLY A 188 7.83 -5.83 28.97
N GLY A 189 7.19 -4.71 29.29
CA GLY A 189 6.02 -4.27 28.55
C GLY A 189 6.31 -3.66 27.20
N VAL A 190 5.35 -3.76 26.30
CA VAL A 190 5.50 -3.21 24.96
C VAL A 190 4.30 -2.38 24.56
N MET A 191 4.55 -1.36 23.75
CA MET A 191 3.49 -0.49 23.29
C MET A 191 3.40 -0.57 21.75
N GLY A 192 2.18 -0.68 21.24
CA GLY A 192 1.97 -0.75 19.80
C GLY A 192 1.02 0.36 19.41
N MET A 193 1.22 0.98 18.25
CA MET A 193 0.35 2.07 17.83
C MET A 193 0.28 2.34 16.32
N GLN A 194 -0.80 2.97 15.89
CA GLN A 194 -0.96 3.37 14.50
C GLN A 194 -0.24 4.72 14.58
N THR A 195 0.61 4.98 13.61
CA THR A 195 1.43 6.18 13.64
C THR A 195 1.32 7.09 12.43
N GLY A 196 0.12 7.22 11.90
CA GLY A 196 -0.08 8.10 10.76
C GLY A 196 0.17 7.51 9.39
N MET A 197 -0.47 8.12 8.40
CA MET A 197 -0.32 7.70 7.02
C MET A 197 1.10 8.03 6.58
N ILE A 198 1.56 7.35 5.55
CA ILE A 198 2.89 7.60 5.01
C ILE A 198 2.65 8.07 3.58
N LEU A 199 3.20 9.24 3.26
CA LEU A 199 3.05 9.82 1.94
C LEU A 199 4.17 10.83 1.74
N LEU A 200 5.10 10.48 0.86
CA LEU A 200 6.26 11.29 0.51
C LEU A 200 6.79 12.15 1.67
N ARG A 204 4.97 14.51 7.07
CA ARG A 204 5.98 14.07 8.08
C ARG A 204 5.35 13.57 9.37
N VAL A 205 4.05 13.29 9.35
CA VAL A 205 3.40 12.81 10.56
C VAL A 205 4.05 11.56 11.13
N HIS A 206 4.21 10.53 10.31
CA HIS A 206 4.80 9.31 10.83
C HIS A 206 6.23 9.51 11.35
N PRO A 207 7.09 10.21 10.59
CA PRO A 207 8.44 10.40 11.10
C PRO A 207 8.48 11.21 12.39
N VAL A 208 7.58 12.18 12.52
CA VAL A 208 7.56 13.00 13.72
C VAL A 208 7.10 12.16 14.91
N VAL A 209 6.07 11.34 14.70
CA VAL A 209 5.61 10.50 15.81
C VAL A 209 6.71 9.53 16.21
N HIS A 210 7.38 8.93 15.23
CA HIS A 210 8.48 8.01 15.52
C HIS A 210 9.55 8.71 16.37
N ARG A 211 9.95 9.90 15.93
CA ARG A 211 10.98 10.64 16.66
C ARG A 211 10.52 11.00 18.09
N THR A 212 9.26 11.42 18.22
CA THR A 212 8.72 11.79 19.53
C THR A 212 8.68 10.59 20.47
N VAL A 213 8.22 9.44 19.97
CA VAL A 213 8.14 8.24 20.78
C VAL A 213 9.54 7.80 21.23
N ARG A 214 10.52 7.99 20.34
CA ARG A 214 11.91 7.61 20.61
C ARG A 214 12.51 8.49 21.71
N GLU A 215 11.87 9.62 22.00
CA GLU A 215 12.35 10.51 23.04
C GLU A 215 11.83 9.97 24.37
N ALA A 216 10.99 8.95 24.30
CA ALA A 216 10.40 8.33 25.49
C ALA A 216 10.74 6.86 25.71
N PHE A 217 11.06 6.14 24.63
CA PHE A 217 11.39 4.72 24.71
C PHE A 217 12.78 4.44 24.12
N ARG A 218 13.46 3.43 24.66
CA ARG A 218 14.80 3.04 24.20
C ARG A 218 14.73 2.42 22.79
N TYR A 219 13.77 1.52 22.59
CA TYR A 219 13.62 0.85 21.30
C TYR A 219 12.33 1.23 20.61
N VAL A 220 12.45 1.82 19.43
CA VAL A 220 11.28 2.23 18.66
C VAL A 220 11.47 1.66 17.26
N ARG A 221 10.50 0.89 16.83
CA ARG A 221 10.57 0.25 15.52
C ARG A 221 9.34 0.49 14.66
N SER A 222 9.54 1.22 13.56
CA SER A 222 8.45 1.50 12.65
C SER A 222 8.12 0.30 11.77
N TYR A 223 6.85 0.13 11.46
CA TYR A 223 6.44 -0.92 10.52
C TYR A 223 5.28 -0.33 9.73
N LYS A 224 5.05 -0.83 8.52
CA LYS A 224 3.97 -0.28 7.71
C LYS A 224 3.16 -1.34 7.01
N ASN A 225 1.99 -0.94 6.54
CA ASN A 225 1.12 -1.85 5.82
C ASN A 225 0.10 -0.99 5.07
N HIS A 226 -0.23 -1.43 3.87
CA HIS A 226 -1.22 -0.76 3.04
C HIS A 226 -2.60 -1.13 3.56
N ILE A 227 -3.46 -0.14 3.79
CA ILE A 227 -4.81 -0.40 4.29
C ILE A 227 -5.75 -0.10 3.12
N PRO A 228 -6.24 -1.15 2.44
CA PRO A 228 -7.14 -1.08 1.28
C PRO A 228 -8.22 -0.03 1.33
N GLY A 229 -9.01 -0.08 2.39
CA GLY A 229 -10.12 0.85 2.56
C GLY A 229 -9.73 2.31 2.74
N PHE A 230 -8.48 2.57 3.12
CA PHE A 230 -8.01 3.96 3.31
C PHE A 230 -7.30 4.45 2.06
N PHE A 231 -6.94 3.53 1.17
CA PHE A 231 -6.18 3.84 -0.05
C PHE A 231 -4.88 4.51 0.36
N LEU A 232 -4.32 4.04 1.47
CA LEU A 232 -3.11 4.64 2.01
C LEU A 232 -2.16 3.64 2.65
N ASN A 233 -0.89 3.97 2.63
CA ASN A 233 0.12 3.16 3.26
C ASN A 233 0.15 3.73 4.68
N PHE A 234 -0.02 2.91 5.69
CA PHE A 234 0.01 3.43 7.05
C PHE A 234 1.23 2.99 7.83
N GLY A 235 1.71 3.89 8.68
CA GLY A 235 2.85 3.60 9.53
C GLY A 235 2.34 3.19 10.90
N PHE A 236 3.09 2.33 11.56
CA PHE A 236 2.76 1.84 12.89
C PHE A 236 4.13 1.71 13.56
N LEU A 237 4.14 1.46 14.85
CA LEU A 237 5.42 1.25 15.52
C LEU A 237 5.25 0.49 16.80
N LEU A 238 6.35 -0.12 17.22
CA LEU A 238 6.40 -0.90 18.45
C LEU A 238 7.46 -0.16 19.25
N ALA A 239 7.24 -0.06 20.56
CA ALA A 239 8.17 0.63 21.44
C ALA A 239 8.30 -0.07 22.79
N SER A 240 9.52 -0.18 23.27
CA SER A 240 9.76 -0.81 24.55
C SER A 240 11.09 -0.35 25.09
N ASP A 241 11.25 -0.48 26.41
CA ASP A 241 12.51 -0.13 27.07
C ASP A 241 13.18 -1.44 27.48
N ALA A 242 12.37 -2.49 27.64
CA ALA A 242 12.87 -3.80 28.06
C ALA A 242 13.59 -4.62 27.01
N PHE A 243 13.26 -4.43 25.74
CA PHE A 243 13.91 -5.17 24.65
C PHE A 243 13.53 -4.61 23.29
N ASP A 244 14.27 -5.01 22.27
CA ASP A 244 14.02 -4.57 20.91
C ASP A 244 12.87 -5.41 20.36
N PRO A 245 11.67 -4.82 20.27
CA PRO A 245 10.49 -5.52 19.77
C PRO A 245 10.57 -6.09 18.36
N ALA A 246 11.52 -5.60 17.56
CA ALA A 246 11.65 -6.09 16.19
C ALA A 246 12.86 -7.01 15.96
N ALA A 247 13.50 -7.44 17.04
CA ALA A 247 14.64 -8.36 16.91
C ALA A 247 14.04 -9.77 16.95
N PHE A 248 13.44 -10.18 15.84
CA PHE A 248 12.79 -11.48 15.72
C PHE A 248 13.74 -12.67 15.66
N SER A 249 13.57 -13.59 16.60
CA SER A 249 14.39 -14.78 16.63
C SER A 249 13.69 -15.82 15.77
N GLU A 250 14.47 -16.56 14.98
CA GLU A 250 13.94 -17.58 14.07
C GLU A 250 12.87 -18.44 14.72
N GLY A 251 11.73 -18.59 14.03
CA GLY A 251 10.63 -19.40 14.50
C GLY A 251 9.77 -18.97 15.68
N VAL A 252 10.20 -17.95 16.41
CA VAL A 252 9.47 -17.49 17.60
C VAL A 252 8.06 -16.97 17.36
N ILE A 253 7.90 -16.04 16.40
CA ILE A 253 6.58 -15.49 16.17
C ILE A 253 5.63 -16.60 15.71
N GLU A 254 6.12 -17.44 14.80
CA GLU A 254 5.33 -18.57 14.28
C GLU A 254 4.86 -19.49 15.39
N ALA A 255 5.78 -19.82 16.30
CA ALA A 255 5.45 -20.71 17.42
C ALA A 255 4.35 -20.12 18.30
N ARG A 256 4.41 -18.82 18.55
CA ARG A 256 3.42 -18.17 19.39
C ARG A 256 2.03 -18.12 18.75
N ILE A 257 1.97 -17.88 17.45
CA ILE A 257 0.71 -17.84 16.75
C ILE A 257 0.03 -19.21 16.91
N ARG A 258 0.79 -20.27 16.66
CA ARG A 258 0.26 -21.64 16.78
C ARG A 258 -0.14 -21.96 18.21
N GLU A 259 0.74 -21.64 19.15
CA GLU A 259 0.47 -21.88 20.56
C GLU A 259 -0.78 -21.16 21.07
N ARG A 260 -1.01 -19.93 20.60
CA ARG A 260 -2.15 -19.15 21.03
C ARG A 260 -3.39 -19.38 20.17
N ASN A 261 -3.26 -20.30 19.22
CA ASN A 261 -4.35 -20.63 18.31
C ASN A 261 -5.07 -19.39 17.76
N LEU A 262 -4.31 -18.36 17.39
CA LEU A 262 -4.90 -17.15 16.84
C LEU A 262 -5.47 -17.41 15.45
N ALA A 263 -6.69 -16.92 15.21
CA ALA A 263 -7.33 -17.08 13.90
C ALA A 263 -7.07 -15.82 13.07
N LEU A 264 -5.92 -15.78 12.39
CA LEU A 264 -5.55 -14.63 11.57
C LEU A 264 -6.05 -14.79 10.15
N ARG A 265 -6.51 -13.69 9.57
CA ARG A 265 -7.00 -13.70 8.18
C ARG A 265 -6.05 -12.94 7.25
N HIS A 266 -5.27 -12.01 7.82
CA HIS A 266 -4.33 -11.24 7.01
C HIS A 266 -2.87 -11.58 7.32
N LEU A 267 -2.49 -11.50 8.58
CA LEU A 267 -1.09 -11.76 8.94
C LEU A 267 -0.64 -13.22 8.95
N THR A 268 0.67 -13.41 8.74
CA THR A 268 1.35 -14.71 8.82
C THR A 268 2.61 -14.28 9.57
N ALA A 269 3.35 -15.23 10.14
CA ALA A 269 4.58 -14.86 10.85
C ALA A 269 5.55 -14.15 9.92
N PRO A 270 5.80 -14.71 8.74
CA PRO A 270 6.74 -14.03 7.83
C PRO A 270 6.24 -12.66 7.35
N TYR A 271 4.95 -12.53 7.09
CA TYR A 271 4.44 -11.23 6.63
C TYR A 271 4.53 -10.18 7.73
N LEU A 272 4.30 -10.59 8.98
CA LEU A 272 4.36 -9.67 10.10
C LEU A 272 5.78 -9.09 10.20
N GLU A 273 6.77 -9.96 10.15
CA GLU A 273 8.15 -9.54 10.24
C GLU A 273 8.56 -8.71 9.04
N ALA A 274 7.98 -8.99 7.87
CA ALA A 274 8.31 -8.22 6.68
C ALA A 274 7.81 -6.79 6.76
N MET A 275 6.78 -6.54 7.57
CA MET A 275 6.26 -5.18 7.70
C MET A 275 7.32 -4.23 8.27
N PHE A 276 8.30 -4.80 8.96
CA PHE A 276 9.38 -4.02 9.57
C PHE A 276 10.54 -3.75 8.62
N VAL A 277 10.47 -4.30 7.41
CA VAL A 277 11.51 -4.07 6.42
C VAL A 277 11.09 -2.84 5.63
N LEU A 278 11.81 -1.75 5.83
CA LEU A 278 11.48 -0.48 5.22
C LEU A 278 12.29 -0.07 4.00
N PRO A 279 11.67 0.67 3.09
CA PRO A 279 12.37 1.12 1.88
C PRO A 279 13.35 2.24 2.21
N LYS A 280 14.28 2.46 1.29
CA LYS A 280 15.32 3.48 1.46
C LYS A 280 14.80 4.89 1.71
N ASP A 281 13.75 5.29 0.98
CA ASP A 281 13.23 6.64 1.16
C ASP A 281 12.56 6.86 2.52
N LEU A 282 11.84 5.85 3.02
CA LEU A 282 11.18 5.95 4.33
C LEU A 282 12.24 5.99 5.44
N LEU A 283 13.25 5.13 5.32
CA LEU A 283 14.34 5.08 6.30
C LEU A 283 15.02 6.45 6.41
N GLU A 284 15.24 7.09 5.26
CA GLU A 284 15.86 8.41 5.28
C GLU A 284 14.95 9.43 5.97
N ALA A 285 13.66 9.40 5.66
CA ALA A 285 12.73 10.35 6.28
C ALA A 285 12.74 10.18 7.80
N LEU A 286 12.73 8.94 8.25
CA LEU A 286 12.72 8.66 9.68
C LEU A 286 14.03 9.16 10.29
N GLU A 287 15.12 8.83 9.62
CA GLU A 287 16.46 9.20 10.08
C GLU A 287 16.70 10.70 10.22
N LYS A 288 16.22 11.47 9.26
CA LYS A 288 16.42 12.91 9.29
C LYS A 288 15.44 13.71 10.15
N GLU A 289 14.33 13.11 10.55
CA GLU A 289 13.35 13.84 11.36
C GLU A 289 13.93 14.35 12.67
N THR A 290 13.70 15.62 12.96
CA THR A 290 14.24 16.24 14.18
C THR A 290 13.15 16.73 15.16
N MET A 291 11.91 16.82 14.73
CA MET A 291 10.86 17.33 15.60
C MET A 291 10.37 16.37 16.67
N VAL A 292 10.28 16.88 17.89
CA VAL A 292 9.80 16.13 19.05
C VAL A 292 8.60 16.89 19.61
N SER A 293 7.43 16.26 19.63
CA SER A 293 6.23 16.90 20.16
C SER A 293 6.30 16.93 21.68
N THR A 294 5.97 18.08 22.28
CA THR A 294 6.02 18.24 23.74
C THR A 294 4.75 18.91 24.27
N ASP A 295 4.47 18.71 25.56
CA ASP A 295 3.29 19.36 26.14
C ASP A 295 3.42 20.86 25.96
N GLN A 296 4.65 21.37 26.07
CA GLN A 296 4.91 22.80 25.92
C GLN A 296 4.59 23.27 24.50
N ASN A 297 5.06 22.51 23.52
CA ASN A 297 4.83 22.82 22.13
C ASN A 297 4.36 21.59 21.39
N PRO A 298 3.07 21.26 21.52
CA PRO A 298 2.52 20.08 20.85
C PRO A 298 2.48 20.22 19.33
N PHE A 299 2.97 19.21 18.64
CA PHE A 299 2.98 19.25 17.20
C PHE A 299 1.60 18.90 16.65
N TYR A 300 1.31 19.42 15.48
CA TYR A 300 0.07 19.16 14.78
C TYR A 300 0.39 19.31 13.32
N VAL A 301 -0.50 18.83 12.47
CA VAL A 301 -0.30 18.93 11.03
C VAL A 301 -1.22 19.99 10.52
N THR A 302 -0.73 20.79 9.59
CA THR A 302 -1.51 21.87 9.01
C THR A 302 -2.45 21.31 7.94
N PRO A 303 -3.46 22.10 7.54
CA PRO A 303 -4.38 21.60 6.52
C PRO A 303 -3.61 21.20 5.26
N GLU A 304 -2.44 21.81 5.07
CA GLU A 304 -1.62 21.52 3.91
C GLU A 304 -0.68 20.34 4.17
N GLY A 305 -0.86 19.70 5.32
CA GLY A 305 -0.03 18.55 5.66
C GLY A 305 1.37 18.83 6.15
N GLU A 306 1.60 20.00 6.73
CA GLU A 306 2.92 20.35 7.24
C GLU A 306 3.06 20.14 8.75
N ALA A 307 4.28 19.84 9.19
CA ALA A 307 4.55 19.61 10.60
C ALA A 307 4.76 20.94 11.32
N ARG A 308 3.89 21.22 12.30
CA ARG A 308 3.96 22.44 13.07
C ARG A 308 4.09 22.15 14.56
N GLN A 309 4.57 23.12 15.31
CA GLN A 309 4.75 22.94 16.75
C GLN A 309 4.73 24.27 17.51
N ALA A 310 3.81 24.37 18.47
CA ALA A 310 3.64 25.58 19.29
C ALA A 310 2.74 25.25 20.49
N PRO A 311 2.68 26.14 21.50
CA PRO A 311 1.82 25.86 22.66
C PRO A 311 0.34 25.64 22.33
N TYR A 312 -0.28 24.67 23.01
CA TYR A 312 -1.68 24.35 22.79
C TYR A 312 -2.61 25.39 23.42
N MET B 1 -11.96 20.81 0.97
CA MET B 1 -12.16 20.96 -0.50
C MET B 1 -12.18 22.42 -0.91
N ASP B 2 -11.75 22.69 -2.14
CA ASP B 2 -11.75 24.06 -2.66
C ASP B 2 -12.32 24.08 -4.06
N TYR B 3 -12.52 25.28 -4.59
CA TYR B 3 -13.02 25.42 -5.95
C TYR B 3 -11.77 25.51 -6.84
N GLY B 4 -11.93 25.29 -8.15
CA GLY B 4 -10.78 25.34 -9.04
C GLY B 4 -10.81 24.20 -10.03
N MET B 5 -9.68 23.92 -10.67
CA MET B 5 -9.62 22.84 -11.66
C MET B 5 -9.25 21.53 -10.99
N TYR B 6 -9.94 20.47 -11.39
CA TYR B 6 -9.70 19.15 -10.84
C TYR B 6 -9.85 18.10 -11.90
N PHE B 7 -9.22 16.96 -11.67
CA PHE B 7 -9.38 15.86 -12.59
C PHE B 7 -10.14 14.77 -11.83
N PHE B 8 -11.20 14.24 -12.43
CA PHE B 8 -11.94 13.16 -11.78
C PHE B 8 -11.35 11.85 -12.32
N GLU B 9 -10.58 11.16 -11.49
CA GLU B 9 -9.92 9.91 -11.87
C GLU B 9 -10.67 8.66 -11.44
N HIS B 10 -10.86 7.75 -12.38
CA HIS B 10 -11.50 6.48 -12.09
C HIS B 10 -10.55 5.66 -11.20
N VAL B 11 -11.08 5.03 -10.16
CA VAL B 11 -10.28 4.16 -9.31
C VAL B 11 -11.04 2.84 -9.29
N THR B 12 -12.28 2.88 -8.82
CA THR B 12 -13.16 1.71 -8.80
C THR B 12 -14.57 2.19 -9.09
N PRO B 13 -15.51 1.26 -9.22
CA PRO B 13 -16.86 1.76 -9.50
C PRO B 13 -17.47 2.49 -8.30
N TYR B 14 -16.86 2.36 -7.13
CA TYR B 14 -17.41 2.99 -5.92
C TYR B 14 -16.53 4.05 -5.29
N GLU B 15 -15.33 4.23 -5.85
CA GLU B 15 -14.41 5.22 -5.33
C GLU B 15 -13.75 5.96 -6.48
N THR B 16 -13.81 7.29 -6.42
CA THR B 16 -13.21 8.15 -7.43
C THR B 16 -12.25 9.12 -6.76
N LEU B 17 -11.11 9.37 -7.40
CA LEU B 17 -10.11 10.27 -6.86
C LEU B 17 -10.22 11.61 -7.58
N VAL B 18 -10.40 12.69 -6.82
CA VAL B 18 -10.52 14.03 -7.38
C VAL B 18 -9.22 14.75 -7.05
N ARG B 19 -8.41 14.96 -8.09
CA ARG B 19 -7.09 15.57 -7.94
C ARG B 19 -7.04 16.99 -8.43
N ARG B 20 -6.55 17.90 -7.58
CA ARG B 20 -6.46 19.30 -7.91
C ARG B 20 -5.41 19.53 -8.99
N MET B 21 -5.78 20.28 -10.02
CA MET B 21 -4.84 20.58 -11.08
C MET B 21 -4.40 22.03 -10.92
N GLU B 22 -3.11 22.24 -10.80
CA GLU B 22 -2.55 23.57 -10.66
C GLU B 22 -2.57 24.27 -12.02
N ARG B 23 -2.26 23.51 -13.07
CA ARG B 23 -2.29 24.02 -14.43
C ARG B 23 -2.17 22.82 -15.36
N VAL B 24 -2.71 22.91 -16.57
CA VAL B 24 -2.68 21.81 -17.51
C VAL B 24 -1.54 22.01 -18.49
N ILE B 25 -0.68 21.00 -18.59
CA ILE B 25 0.47 21.05 -19.48
C ILE B 25 0.10 20.64 -20.90
N ALA B 26 -0.57 19.50 -21.02
CA ALA B 26 -0.99 19.00 -22.32
C ALA B 26 -2.15 18.06 -22.13
N SER B 27 -2.99 17.98 -23.15
CA SER B 27 -4.14 17.09 -23.14
C SER B 27 -4.43 16.81 -24.61
N GLY B 28 -4.98 15.65 -24.89
CA GLY B 28 -5.27 15.33 -26.27
C GLY B 28 -5.80 13.92 -26.44
N LYS B 29 -5.74 13.44 -27.67
CA LYS B 29 -6.25 12.11 -27.96
C LYS B 29 -5.48 11.50 -29.12
N THR B 30 -4.85 10.36 -28.87
CA THR B 30 -4.12 9.67 -29.93
C THR B 30 -5.16 8.70 -30.47
N PRO B 31 -4.82 7.96 -31.53
CA PRO B 31 -5.83 7.03 -32.03
C PRO B 31 -6.11 5.87 -31.08
N PHE B 32 -5.32 5.77 -30.02
CA PHE B 32 -5.49 4.67 -29.05
C PHE B 32 -6.09 5.06 -27.71
N GLN B 33 -5.77 6.25 -27.21
CA GLN B 33 -6.27 6.65 -25.90
C GLN B 33 -6.25 8.17 -25.71
N ASP B 34 -6.95 8.64 -24.69
CA ASP B 34 -6.95 10.07 -24.38
C ASP B 34 -5.82 10.27 -23.36
N TYR B 35 -5.18 11.43 -23.36
CA TYR B 35 -4.11 11.68 -22.41
C TYR B 35 -4.25 13.07 -21.81
N PHE B 36 -3.83 13.21 -20.57
CA PHE B 36 -3.89 14.48 -19.87
C PHE B 36 -2.64 14.56 -19.00
N LEU B 37 -1.91 15.67 -19.08
CA LEU B 37 -0.71 15.84 -18.26
C LEU B 37 -0.89 17.17 -17.52
N PHE B 38 -0.90 17.14 -16.19
CA PHE B 38 -1.08 18.36 -15.43
C PHE B 38 -0.17 18.47 -14.22
N GLU B 39 -0.03 19.68 -13.73
CA GLU B 39 0.79 19.93 -12.58
C GLU B 39 -0.05 19.82 -11.31
N SER B 40 0.39 18.99 -10.37
CA SER B 40 -0.30 18.84 -9.09
C SER B 40 0.69 19.29 -8.02
N LYS B 41 0.21 19.90 -6.95
CA LYS B 41 1.11 20.37 -5.90
C LYS B 41 1.75 19.27 -5.10
N GLY B 42 1.05 18.14 -4.95
CA GLY B 42 1.62 17.05 -4.19
C GLY B 42 2.56 16.14 -4.97
N PHE B 43 2.13 15.67 -6.13
CA PHE B 43 2.95 14.74 -6.90
C PHE B 43 3.65 15.28 -8.14
N GLY B 44 3.63 16.60 -8.34
CA GLY B 44 4.25 17.15 -9.52
C GLY B 44 3.41 16.80 -10.73
N LYS B 45 4.05 16.63 -11.89
CA LYS B 45 3.31 16.30 -13.10
C LYS B 45 2.61 14.96 -12.95
N VAL B 46 1.37 14.91 -13.45
CA VAL B 46 0.59 13.68 -13.40
C VAL B 46 0.12 13.38 -14.80
N LEU B 47 0.28 12.13 -15.22
CA LEU B 47 -0.15 11.73 -16.54
C LEU B 47 -1.34 10.80 -16.36
N ILE B 48 -2.42 11.13 -17.04
CA ILE B 48 -3.64 10.33 -16.99
C ILE B 48 -3.80 9.76 -18.38
N LEU B 49 -4.13 8.47 -18.47
CA LEU B 49 -4.38 7.85 -19.77
C LEU B 49 -5.85 7.44 -19.72
N ASP B 50 -6.67 8.05 -20.58
CA ASP B 50 -8.09 7.78 -20.61
C ASP B 50 -8.70 8.24 -19.30
N LYS B 51 -9.04 7.32 -18.39
CA LYS B 51 -9.64 7.75 -17.13
C LYS B 51 -8.85 7.35 -15.89
N ASP B 52 -7.66 6.80 -16.07
CA ASP B 52 -6.84 6.36 -14.94
C ASP B 52 -5.45 6.99 -14.93
N VAL B 53 -4.97 7.35 -13.73
CA VAL B 53 -3.64 7.91 -13.60
C VAL B 53 -2.66 6.85 -14.10
N GLN B 54 -1.68 7.29 -14.89
CA GLN B 54 -0.69 6.38 -15.46
C GLN B 54 0.63 6.53 -14.71
N SER B 55 0.96 7.75 -14.34
CA SER B 55 2.21 7.98 -13.63
C SER B 55 2.22 9.34 -12.95
N THR B 56 3.11 9.48 -11.97
CA THR B 56 3.27 10.69 -11.19
C THR B 56 4.76 11.05 -11.20
N GLU B 57 5.06 12.33 -11.38
CA GLU B 57 6.45 12.77 -11.41
C GLU B 57 7.20 12.49 -10.11
N ARG B 58 6.58 12.82 -8.98
CA ARG B 58 7.25 12.63 -7.70
C ARG B 58 7.30 11.22 -7.12
N ASP B 59 6.50 10.30 -7.65
CA ASP B 59 6.56 8.92 -7.15
C ASP B 59 6.87 7.86 -8.20
N GLU B 60 7.08 8.26 -9.45
CA GLU B 60 7.33 7.27 -10.50
C GLU B 60 8.59 6.44 -10.23
N TYR B 61 9.56 7.02 -9.51
CA TYR B 61 10.77 6.27 -9.22
C TYR B 61 10.44 5.01 -8.42
N ILE B 62 9.42 5.09 -7.56
CA ILE B 62 9.02 3.93 -6.76
C ILE B 62 8.42 2.85 -7.66
N TYR B 63 7.54 3.27 -8.55
CA TYR B 63 6.92 2.32 -9.46
C TYR B 63 7.92 1.68 -10.41
N HIS B 64 8.75 2.50 -11.05
CA HIS B 64 9.71 1.96 -12.02
C HIS B 64 10.80 1.09 -11.38
N GLU B 65 11.27 1.45 -10.19
CA GLU B 65 12.29 0.63 -9.52
C GLU B 65 11.67 -0.74 -9.18
N THR B 66 10.45 -0.70 -8.65
CA THR B 66 9.72 -1.92 -8.28
C THR B 66 9.48 -2.82 -9.50
N LEU B 67 9.07 -2.20 -10.61
CA LEU B 67 8.79 -2.93 -11.86
C LEU B 67 10.00 -3.60 -12.51
N VAL B 68 11.09 -2.85 -12.58
CA VAL B 68 12.30 -3.28 -13.27
C VAL B 68 13.37 -4.07 -12.55
N HIS B 69 13.82 -3.56 -11.41
CA HIS B 69 14.94 -4.20 -10.73
C HIS B 69 14.83 -5.60 -10.19
N PRO B 70 13.65 -6.04 -9.74
CA PRO B 70 13.63 -7.42 -9.26
C PRO B 70 14.04 -8.39 -10.37
N ALA B 71 13.45 -8.23 -11.56
CA ALA B 71 13.80 -9.12 -12.66
C ALA B 71 15.26 -8.92 -13.09
N MET B 72 15.66 -7.66 -13.27
CA MET B 72 17.03 -7.36 -13.70
C MET B 72 18.08 -7.84 -12.70
N LEU B 73 17.79 -7.73 -11.42
CA LEU B 73 18.73 -8.16 -10.39
C LEU B 73 18.73 -9.66 -10.14
N THR B 74 17.62 -10.35 -10.44
CA THR B 74 17.61 -11.79 -10.23
C THR B 74 18.39 -12.49 -11.35
N HIS B 75 18.62 -11.76 -12.44
CA HIS B 75 19.37 -12.31 -13.56
C HIS B 75 20.84 -12.02 -13.30
N PRO B 76 21.69 -13.04 -13.39
CA PRO B 76 23.13 -12.85 -13.15
C PRO B 76 23.83 -11.87 -14.09
N GLU B 77 23.37 -11.78 -15.33
CA GLU B 77 24.00 -10.89 -16.30
C GLU B 77 23.08 -10.60 -17.46
N PRO B 78 22.11 -9.69 -17.27
CA PRO B 78 21.16 -9.34 -18.33
C PRO B 78 21.79 -8.49 -19.43
N LYS B 79 21.89 -9.03 -20.65
CA LYS B 79 22.50 -8.33 -21.77
C LYS B 79 21.49 -7.83 -22.80
N ARG B 80 20.47 -8.64 -23.07
CA ARG B 80 19.44 -8.25 -24.02
C ARG B 80 18.13 -8.15 -23.25
N VAL B 81 17.44 -7.02 -23.40
CA VAL B 81 16.19 -6.81 -22.67
C VAL B 81 15.08 -6.33 -23.59
N LEU B 82 13.87 -6.83 -23.37
CA LEU B 82 12.71 -6.41 -24.14
C LEU B 82 11.72 -5.73 -23.19
N ILE B 83 11.22 -4.57 -23.60
CA ILE B 83 10.24 -3.84 -22.80
C ILE B 83 8.94 -3.71 -23.60
N VAL B 84 7.84 -4.22 -23.04
CA VAL B 84 6.55 -4.09 -23.70
C VAL B 84 5.75 -3.02 -22.96
N GLY B 85 5.54 -1.89 -23.61
CA GLY B 85 4.80 -0.80 -22.97
C GLY B 85 5.82 0.20 -22.42
N GLY B 86 5.51 0.80 -21.26
CA GLY B 86 6.39 1.76 -20.64
C GLY B 86 6.61 3.01 -21.49
N GLY B 87 5.54 3.49 -22.10
CA GLY B 87 5.63 4.65 -22.99
C GLY B 87 6.28 5.92 -22.46
N GLU B 88 6.31 6.10 -21.14
CA GLU B 88 6.91 7.29 -20.56
C GLU B 88 8.44 7.30 -20.74
N GLY B 89 9.03 6.11 -20.83
CA GLY B 89 10.48 6.01 -21.00
C GLY B 89 11.24 5.78 -19.69
N ALA B 90 10.53 5.76 -18.57
CA ALA B 90 11.19 5.57 -17.28
C ALA B 90 11.52 4.10 -17.06
N THR B 91 10.75 3.21 -17.68
CA THR B 91 11.01 1.78 -17.54
C THR B 91 12.34 1.50 -18.24
N LEU B 92 12.49 2.08 -19.43
CA LEU B 92 13.72 1.93 -20.22
C LEU B 92 14.86 2.54 -19.40
N ARG B 93 14.61 3.70 -18.83
CA ARG B 93 15.59 4.37 -18.00
C ARG B 93 16.13 3.42 -16.93
N GLU B 94 15.24 2.79 -16.16
CA GLU B 94 15.71 1.89 -15.12
C GLU B 94 16.44 0.66 -15.69
N VAL B 95 15.97 0.15 -16.83
CA VAL B 95 16.62 -0.99 -17.45
C VAL B 95 18.06 -0.64 -17.83
N LEU B 96 18.22 0.55 -18.41
CA LEU B 96 19.52 1.06 -18.86
C LEU B 96 20.51 1.34 -17.75
N LYS B 97 20.05 1.35 -16.49
CA LYS B 97 20.97 1.60 -15.38
C LYS B 97 21.88 0.41 -15.17
N HIS B 98 21.49 -0.74 -15.69
CA HIS B 98 22.29 -1.95 -15.55
C HIS B 98 23.38 -1.96 -16.64
N PRO B 99 24.64 -1.72 -16.26
CA PRO B 99 25.75 -1.71 -17.20
C PRO B 99 25.97 -2.98 -18.03
N THR B 100 25.36 -4.10 -17.63
CA THR B 100 25.52 -5.31 -18.41
C THR B 100 24.65 -5.27 -19.66
N VAL B 101 23.68 -4.36 -19.67
CA VAL B 101 22.79 -4.25 -20.82
C VAL B 101 23.51 -3.76 -22.07
N GLU B 102 23.35 -4.51 -23.17
CA GLU B 102 23.96 -4.16 -24.44
C GLU B 102 22.86 -3.72 -25.38
N LYS B 103 21.66 -4.26 -25.20
CA LYS B 103 20.53 -3.86 -26.01
C LYS B 103 19.20 -3.94 -25.27
N ALA B 104 18.39 -2.90 -25.45
CA ALA B 104 17.08 -2.83 -24.82
C ALA B 104 16.07 -2.42 -25.89
N VAL B 105 15.24 -3.37 -26.29
CA VAL B 105 14.21 -3.12 -27.27
C VAL B 105 12.90 -2.80 -26.54
N MET B 106 12.29 -1.68 -26.92
CA MET B 106 11.02 -1.26 -26.34
C MET B 106 9.98 -1.21 -27.46
N VAL B 107 8.90 -1.95 -27.28
CA VAL B 107 7.83 -1.95 -28.28
C VAL B 107 6.54 -1.51 -27.61
N ASP B 108 5.92 -0.48 -28.18
CA ASP B 108 4.67 0.06 -27.68
C ASP B 108 3.84 0.51 -28.88
N ILE B 109 2.54 0.27 -28.81
CA ILE B 109 1.62 0.59 -29.89
C ILE B 109 1.35 2.08 -30.16
N ASP B 110 1.38 2.90 -29.11
CA ASP B 110 1.04 4.32 -29.26
C ASP B 110 2.21 5.28 -29.43
N GLY B 111 2.63 5.48 -30.68
CA GLY B 111 3.74 6.36 -30.98
C GLY B 111 3.50 7.82 -30.63
N GLU B 112 2.27 8.29 -30.78
CA GLU B 112 1.96 9.67 -30.44
C GLU B 112 2.17 9.88 -28.94
N LEU B 113 1.74 8.92 -28.12
CA LEU B 113 1.89 9.04 -26.67
C LEU B 113 3.37 9.14 -26.34
N VAL B 114 4.17 8.27 -26.96
CA VAL B 114 5.60 8.30 -26.71
C VAL B 114 6.13 9.70 -27.03
N GLU B 115 5.61 10.30 -28.10
CA GLU B 115 6.03 11.65 -28.47
C GLU B 115 5.67 12.67 -27.38
N VAL B 116 4.51 12.51 -26.75
CA VAL B 116 4.12 13.42 -25.66
C VAL B 116 5.14 13.29 -24.53
N ALA B 117 5.55 12.07 -24.22
CA ALA B 117 6.53 11.82 -23.16
C ALA B 117 7.86 12.49 -23.51
N LYS B 118 8.33 12.21 -24.72
CA LYS B 118 9.58 12.79 -25.18
C LYS B 118 9.57 14.30 -24.99
N ARG B 119 8.49 14.96 -25.40
CA ARG B 119 8.40 16.42 -25.28
C ARG B 119 8.08 17.00 -23.90
N HIS B 120 7.12 16.40 -23.20
CA HIS B 120 6.70 16.94 -21.90
C HIS B 120 7.07 16.17 -20.64
N MET B 121 7.71 15.02 -20.79
CA MET B 121 8.03 14.22 -19.62
C MET B 121 9.50 13.81 -19.50
N PRO B 122 10.43 14.77 -19.68
CA PRO B 122 11.86 14.45 -19.57
C PRO B 122 12.22 13.90 -18.19
N GLU B 123 11.41 14.26 -17.20
CA GLU B 123 11.62 13.81 -15.82
C GLU B 123 11.57 12.28 -15.77
N TRP B 124 10.81 11.70 -16.70
CA TRP B 124 10.68 10.26 -16.79
C TRP B 124 11.79 9.63 -17.65
N HIS B 125 11.80 9.95 -18.94
CA HIS B 125 12.78 9.33 -19.82
C HIS B 125 14.24 9.69 -19.49
N GLN B 126 14.47 10.92 -19.06
CA GLN B 126 15.81 11.37 -18.73
C GLN B 126 16.81 10.97 -19.82
N GLY B 127 16.37 11.06 -21.07
CA GLY B 127 17.23 10.74 -22.20
C GLY B 127 17.34 9.28 -22.61
N ALA B 128 16.67 8.39 -21.90
CA ALA B 128 16.73 6.97 -22.22
C ALA B 128 16.45 6.61 -23.68
N PHE B 129 15.52 7.29 -24.33
CA PHE B 129 15.20 6.97 -25.71
C PHE B 129 16.41 7.17 -26.63
N ASP B 130 17.28 8.09 -26.27
CA ASP B 130 18.46 8.38 -27.07
C ASP B 130 19.70 7.57 -26.67
N ASP B 131 19.52 6.61 -25.76
CA ASP B 131 20.66 5.78 -25.37
C ASP B 131 21.05 4.96 -26.60
N PRO B 132 22.35 4.88 -26.91
CA PRO B 132 22.73 4.08 -28.09
C PRO B 132 22.25 2.63 -28.02
N ARG B 133 22.09 2.11 -26.81
CA ARG B 133 21.63 0.73 -26.63
C ARG B 133 20.12 0.55 -26.77
N ALA B 134 19.38 1.66 -26.81
CA ALA B 134 17.92 1.58 -26.91
C ALA B 134 17.37 1.57 -28.32
N VAL B 135 16.43 0.65 -28.57
CA VAL B 135 15.78 0.54 -29.87
C VAL B 135 14.27 0.70 -29.63
N LEU B 136 13.67 1.74 -30.19
CA LEU B 136 12.24 1.98 -30.01
C LEU B 136 11.43 1.42 -31.17
N VAL B 137 10.46 0.57 -30.87
CA VAL B 137 9.61 0.01 -31.91
C VAL B 137 8.15 0.34 -31.62
N ILE B 138 7.51 1.06 -32.54
CA ILE B 138 6.10 1.42 -32.41
C ILE B 138 5.35 0.35 -33.18
N ASP B 139 4.69 -0.55 -32.46
CA ASP B 139 3.98 -1.65 -33.12
C ASP B 139 3.31 -2.51 -32.07
N ASP B 140 2.48 -3.45 -32.53
CA ASP B 140 1.82 -4.37 -31.62
C ASP B 140 2.93 -5.33 -31.21
N ALA B 141 3.20 -5.40 -29.91
CA ALA B 141 4.27 -6.26 -29.41
C ALA B 141 4.10 -7.71 -29.84
N ARG B 142 2.86 -8.12 -30.08
CA ARG B 142 2.61 -9.49 -30.48
C ARG B 142 2.99 -9.72 -31.93
N ALA B 143 2.64 -8.79 -32.80
CA ALA B 143 2.99 -8.90 -34.21
C ALA B 143 4.51 -8.81 -34.34
N TYR B 144 5.10 -7.95 -33.52
CA TYR B 144 6.55 -7.78 -33.54
C TYR B 144 7.30 -9.05 -33.15
N LEU B 145 6.87 -9.72 -32.07
CA LEU B 145 7.54 -10.94 -31.63
C LEU B 145 7.37 -12.15 -32.55
N GLU B 146 6.21 -12.24 -33.21
CA GLU B 146 5.96 -13.35 -34.12
C GLU B 146 6.76 -13.14 -35.39
N ARG B 147 6.98 -11.86 -35.71
CA ARG B 147 7.73 -11.46 -36.90
C ARG B 147 9.23 -11.37 -36.63
N THR B 148 9.66 -11.84 -35.48
CA THR B 148 11.09 -11.81 -35.14
C THR B 148 11.53 -13.04 -34.35
N GLU B 149 12.83 -13.30 -34.36
CA GLU B 149 13.39 -14.45 -33.66
C GLU B 149 14.54 -14.06 -32.75
N GLU B 150 14.57 -12.80 -32.33
CA GLU B 150 15.61 -12.32 -31.42
C GLU B 150 15.28 -12.87 -30.03
N ARG B 151 16.30 -13.07 -29.21
CA ARG B 151 16.11 -13.60 -27.86
C ARG B 151 16.50 -12.60 -26.76
N TYR B 152 15.87 -12.70 -25.60
CA TYR B 152 16.18 -11.79 -24.51
C TYR B 152 16.47 -12.51 -23.22
N ASP B 153 17.22 -11.85 -22.35
CA ASP B 153 17.55 -12.39 -21.03
C ASP B 153 16.45 -11.99 -20.03
N VAL B 154 15.91 -10.79 -20.23
CA VAL B 154 14.88 -10.24 -19.38
C VAL B 154 13.81 -9.54 -20.22
N VAL B 155 12.55 -9.75 -19.87
CA VAL B 155 11.45 -9.10 -20.57
C VAL B 155 10.63 -8.39 -19.51
N ILE B 156 10.37 -7.10 -19.70
CA ILE B 156 9.55 -6.35 -18.75
C ILE B 156 8.23 -5.96 -19.44
N ILE B 157 7.10 -6.26 -18.81
CA ILE B 157 5.82 -5.91 -19.39
C ILE B 157 5.23 -4.79 -18.53
N ASP B 158 5.07 -3.63 -19.14
CA ASP B 158 4.58 -2.44 -18.45
C ASP B 158 3.38 -1.87 -19.20
N LEU B 159 2.23 -2.52 -19.04
CA LEU B 159 0.99 -2.10 -19.71
C LEU B 159 -0.15 -1.81 -18.74
N THR B 160 -1.16 -1.06 -19.19
CA THR B 160 -2.28 -0.79 -18.31
C THR B 160 -3.21 -2.00 -18.40
N ASP B 161 -4.19 -2.10 -17.50
CA ASP B 161 -5.12 -3.23 -17.53
C ASP B 161 -5.95 -3.17 -18.81
N PRO B 162 -6.36 -4.34 -19.35
CA PRO B 162 -7.16 -4.32 -20.58
C PRO B 162 -8.62 -4.09 -20.22
N VAL B 163 -9.02 -2.82 -20.16
CA VAL B 163 -10.39 -2.47 -19.82
C VAL B 163 -11.27 -2.45 -21.06
N GLY B 164 -12.42 -3.11 -20.97
CA GLY B 164 -13.34 -3.14 -22.10
C GLY B 164 -13.20 -4.33 -23.01
N GLU B 165 -14.35 -4.90 -23.37
CA GLU B 165 -14.39 -6.06 -24.25
C GLU B 165 -13.79 -5.80 -25.63
N ASP B 166 -14.02 -4.62 -26.17
CA ASP B 166 -13.52 -4.28 -27.50
C ASP B 166 -12.05 -3.84 -27.49
N ASN B 167 -11.40 -3.93 -26.33
CA ASN B 167 -10.00 -3.52 -26.22
C ASN B 167 -9.03 -4.55 -26.81
N PRO B 168 -8.39 -4.21 -27.95
CA PRO B 168 -7.45 -5.14 -28.58
C PRO B 168 -6.24 -5.52 -27.71
N ALA B 169 -6.00 -4.76 -26.65
CA ALA B 169 -4.88 -5.05 -25.75
C ALA B 169 -5.12 -6.34 -24.96
N ARG B 170 -6.37 -6.81 -24.99
CA ARG B 170 -6.74 -8.06 -24.29
C ARG B 170 -5.83 -9.19 -24.78
N LEU B 171 -5.40 -9.08 -26.03
CA LEU B 171 -4.55 -10.09 -26.63
C LEU B 171 -3.11 -10.02 -26.10
N LEU B 172 -2.83 -9.03 -25.26
CA LEU B 172 -1.48 -8.92 -24.68
C LEU B 172 -1.51 -9.45 -23.25
N TYR B 173 -2.62 -10.07 -22.87
CA TYR B 173 -2.76 -10.65 -21.54
C TYR B 173 -3.25 -12.10 -21.58
N THR B 174 -3.07 -12.77 -22.71
CA THR B 174 -3.50 -14.17 -22.83
C THR B 174 -2.32 -15.11 -22.62
N VAL B 175 -2.60 -16.38 -22.37
CA VAL B 175 -1.51 -17.34 -22.15
C VAL B 175 -0.63 -17.49 -23.40
N GLU B 176 -1.20 -17.41 -24.60
CA GLU B 176 -0.35 -17.56 -25.76
C GLU B 176 0.56 -16.33 -25.91
N PHE B 177 0.15 -15.18 -25.39
CA PHE B 177 1.04 -14.03 -25.47
C PHE B 177 2.25 -14.30 -24.58
N TYR B 178 2.00 -14.74 -23.36
CA TYR B 178 3.10 -15.04 -22.44
C TYR B 178 3.97 -16.20 -22.96
N ARG B 179 3.35 -17.13 -23.67
CA ARG B 179 4.11 -18.27 -24.22
C ARG B 179 5.02 -17.75 -25.32
N LEU B 180 4.50 -16.79 -26.08
CA LEU B 180 5.25 -16.15 -27.16
C LEU B 180 6.44 -15.44 -26.55
N VAL B 181 6.19 -14.74 -25.44
CA VAL B 181 7.25 -14.05 -24.73
C VAL B 181 8.28 -15.05 -24.23
N LYS B 182 7.80 -16.15 -23.64
CA LYS B 182 8.72 -17.15 -23.12
C LYS B 182 9.56 -17.75 -24.25
N ALA B 183 8.98 -17.82 -25.44
CA ALA B 183 9.67 -18.38 -26.61
C ALA B 183 10.81 -17.48 -27.06
N HIS B 184 10.84 -16.25 -26.57
CA HIS B 184 11.91 -15.33 -26.95
C HIS B 184 12.89 -15.10 -25.82
N LEU B 185 12.82 -15.93 -24.79
CA LEU B 185 13.73 -15.81 -23.66
C LEU B 185 14.89 -16.78 -23.79
N ASN B 186 16.09 -16.32 -23.46
CA ASN B 186 17.28 -17.17 -23.49
C ASN B 186 17.07 -18.20 -22.37
N PRO B 187 17.90 -19.26 -22.34
CA PRO B 187 17.79 -20.30 -21.31
C PRO B 187 17.50 -19.89 -19.86
N GLY B 188 18.29 -18.97 -19.30
CA GLY B 188 18.04 -18.54 -17.93
C GLY B 188 17.26 -17.24 -17.87
N GLY B 189 16.36 -17.04 -18.82
CA GLY B 189 15.59 -15.81 -18.88
C GLY B 189 14.54 -15.64 -17.80
N VAL B 190 14.12 -14.40 -17.57
CA VAL B 190 13.11 -14.11 -16.57
C VAL B 190 12.22 -12.98 -17.06
N MET B 191 10.93 -13.08 -16.78
CA MET B 191 10.00 -12.03 -17.15
C MET B 191 9.53 -11.35 -15.88
N GLY B 192 9.47 -10.03 -15.92
CA GLY B 192 8.99 -9.26 -14.79
C GLY B 192 7.88 -8.36 -15.33
N MET B 193 6.84 -8.10 -14.56
CA MET B 193 5.74 -7.26 -15.04
C MET B 193 4.87 -6.65 -13.94
N GLN B 194 4.18 -5.56 -14.28
CA GLN B 194 3.22 -4.95 -13.36
C GLN B 194 1.99 -5.82 -13.63
N THR B 195 1.34 -6.29 -12.58
CA THR B 195 0.22 -7.19 -12.78
C THR B 195 -1.11 -6.77 -12.20
N GLY B 196 -1.41 -5.48 -12.26
CA GLY B 196 -2.70 -5.01 -11.79
C GLY B 196 -2.80 -4.66 -10.33
N MET B 197 -3.76 -3.80 -10.01
CA MET B 197 -3.96 -3.39 -8.65
C MET B 197 -4.51 -4.56 -7.85
N ILE B 198 -4.25 -4.53 -6.57
CA ILE B 198 -4.74 -5.53 -5.65
C ILE B 198 -5.78 -4.85 -4.77
N LEU B 199 -7.02 -5.33 -4.88
CA LEU B 199 -8.13 -4.81 -4.09
C LEU B 199 -9.12 -5.98 -4.13
N LEU B 200 -8.76 -7.00 -3.36
CA LEU B 200 -9.48 -8.26 -3.26
C LEU B 200 -10.99 -8.21 -3.03
N THR B 201 -11.46 -7.15 -2.37
CA THR B 201 -12.89 -6.98 -2.11
C THR B 201 -13.65 -6.53 -3.35
N HIS B 202 -12.94 -5.90 -4.28
CA HIS B 202 -13.54 -5.35 -5.48
C HIS B 202 -13.41 -6.22 -6.73
N HIS B 203 -12.25 -6.83 -6.91
CA HIS B 203 -11.98 -7.64 -8.09
C HIS B 203 -10.71 -8.48 -7.90
N ARG B 204 -10.46 -9.37 -8.85
CA ARG B 204 -9.29 -10.24 -8.76
C ARG B 204 -8.41 -10.15 -10.00
N VAL B 205 -8.21 -8.93 -10.49
CA VAL B 205 -7.39 -8.76 -11.67
C VAL B 205 -5.99 -9.33 -11.46
N HIS B 206 -5.34 -8.93 -10.38
CA HIS B 206 -3.99 -9.43 -10.14
C HIS B 206 -3.96 -10.95 -10.09
N PRO B 207 -4.88 -11.57 -9.33
CA PRO B 207 -4.78 -13.04 -9.34
C PRO B 207 -5.08 -13.68 -10.69
N VAL B 208 -5.86 -13.00 -11.54
CA VAL B 208 -6.17 -13.56 -12.84
C VAL B 208 -4.94 -13.46 -13.75
N VAL B 209 -4.20 -12.37 -13.63
CA VAL B 209 -2.99 -12.20 -14.42
C VAL B 209 -1.95 -13.24 -13.96
N HIS B 210 -1.81 -13.39 -12.64
CA HIS B 210 -0.86 -14.35 -12.09
C HIS B 210 -1.23 -15.79 -12.53
N ARG B 211 -2.51 -16.14 -12.45
CA ARG B 211 -2.98 -17.47 -12.82
C ARG B 211 -2.73 -17.74 -14.31
N THR B 212 -2.92 -16.72 -15.12
CA THR B 212 -2.71 -16.83 -16.56
C THR B 212 -1.22 -17.04 -16.85
N VAL B 213 -0.36 -16.28 -16.16
CA VAL B 213 1.08 -16.41 -16.37
C VAL B 213 1.59 -17.78 -15.90
N ARG B 214 0.97 -18.31 -14.85
CA ARG B 214 1.36 -19.62 -14.32
C ARG B 214 1.10 -20.73 -15.35
N GLU B 215 0.18 -20.47 -16.26
CA GLU B 215 -0.18 -21.44 -17.29
C GLU B 215 0.85 -21.44 -18.42
N ALA B 216 1.77 -20.49 -18.38
CA ALA B 216 2.81 -20.40 -19.40
C ALA B 216 4.21 -20.53 -18.83
N PHE B 217 4.36 -20.31 -17.52
CA PHE B 217 5.67 -20.41 -16.89
C PHE B 217 5.68 -21.38 -15.73
N ARG B 218 6.79 -22.11 -15.59
CA ARG B 218 6.96 -23.09 -14.53
C ARG B 218 6.87 -22.42 -13.16
N TYR B 219 7.73 -21.44 -12.93
CA TYR B 219 7.75 -20.72 -11.66
C TYR B 219 7.20 -19.30 -11.78
N VAL B 220 6.17 -18.99 -11.00
CA VAL B 220 5.60 -17.65 -11.02
C VAL B 220 5.54 -17.14 -9.58
N ARG B 221 6.10 -15.97 -9.34
CA ARG B 221 6.11 -15.39 -8.02
C ARG B 221 5.61 -13.94 -8.00
N SER B 222 4.50 -13.71 -7.31
CA SER B 222 3.92 -12.38 -7.16
C SER B 222 4.68 -11.57 -6.11
N TYR B 223 4.70 -10.26 -6.29
CA TYR B 223 5.28 -9.35 -5.31
C TYR B 223 4.43 -8.09 -5.39
N LYS B 224 4.45 -7.30 -4.34
CA LYS B 224 3.61 -6.12 -4.33
C LYS B 224 4.30 -4.94 -3.71
N ASN B 225 3.77 -3.75 -3.97
CA ASN B 225 4.30 -2.53 -3.39
C ASN B 225 3.19 -1.48 -3.51
N HIS B 226 3.12 -0.60 -2.51
CA HIS B 226 2.12 0.47 -2.51
C HIS B 226 2.70 1.61 -3.36
N ILE B 227 1.92 2.09 -4.32
CA ILE B 227 2.36 3.19 -5.19
C ILE B 227 1.63 4.46 -4.70
N PRO B 228 2.33 5.28 -3.91
CA PRO B 228 1.84 6.54 -3.31
C PRO B 228 0.90 7.38 -4.17
N GLY B 229 1.38 7.74 -5.36
CA GLY B 229 0.60 8.55 -6.27
C GLY B 229 -0.64 7.88 -6.84
N PHE B 230 -0.70 6.55 -6.76
CA PHE B 230 -1.87 5.81 -7.26
C PHE B 230 -2.87 5.56 -6.12
N PHE B 231 -2.40 5.69 -4.87
CA PHE B 231 -3.23 5.44 -3.70
C PHE B 231 -3.75 4.00 -3.78
N LEU B 232 -2.91 3.13 -4.36
CA LEU B 232 -3.25 1.72 -4.54
C LEU B 232 -2.06 0.82 -4.32
N ASN B 233 -2.35 -0.38 -3.83
CA ASN B 233 -1.35 -1.41 -3.62
C ASN B 233 -1.29 -2.08 -5.00
N PHE B 234 -0.11 -2.23 -5.59
CA PHE B 234 -0.04 -2.88 -6.90
C PHE B 234 0.66 -4.22 -6.88
N GLY B 235 0.17 -5.12 -7.71
CA GLY B 235 0.77 -6.43 -7.82
C GLY B 235 1.72 -6.43 -9.00
N PHE B 236 2.76 -7.24 -8.89
CA PHE B 236 3.76 -7.40 -9.92
C PHE B 236 4.11 -8.88 -9.85
N LEU B 237 4.91 -9.35 -10.80
CA LEU B 237 5.33 -10.74 -10.72
C LEU B 237 6.58 -11.01 -11.52
N LEU B 238 7.28 -12.06 -11.11
CA LEU B 238 8.49 -12.53 -11.79
C LEU B 238 8.14 -13.93 -12.29
N ALA B 239 8.58 -14.27 -13.50
CA ALA B 239 8.27 -15.58 -14.05
C ALA B 239 9.46 -16.17 -14.78
N SER B 240 9.64 -17.49 -14.65
CA SER B 240 10.75 -18.16 -15.30
C SER B 240 10.55 -19.66 -15.32
N ASP B 241 11.20 -20.29 -16.29
CA ASP B 241 11.15 -21.74 -16.43
C ASP B 241 12.44 -22.28 -15.85
N ALA B 242 13.47 -21.45 -15.86
CA ALA B 242 14.79 -21.85 -15.38
C ALA B 242 14.99 -21.91 -13.87
N PHE B 243 14.22 -21.13 -13.12
CA PHE B 243 14.38 -21.13 -11.67
C PHE B 243 13.21 -20.44 -10.94
N ASP B 244 13.15 -20.62 -9.63
CA ASP B 244 12.13 -19.99 -8.82
C ASP B 244 12.66 -18.59 -8.59
N PRO B 245 12.12 -17.61 -9.32
CA PRO B 245 12.56 -16.21 -9.22
C PRO B 245 12.62 -15.62 -7.81
N ALA B 246 11.93 -16.22 -6.85
CA ALA B 246 11.98 -15.69 -5.48
C ALA B 246 12.89 -16.47 -4.55
N ALA B 247 13.63 -17.44 -5.10
CA ALA B 247 14.55 -18.24 -4.28
C ALA B 247 15.87 -17.47 -4.18
N PHE B 248 15.82 -16.33 -3.49
CA PHE B 248 16.96 -15.45 -3.33
C PHE B 248 18.08 -15.89 -2.43
N SER B 249 18.65 -14.81 -1.93
CA SER B 249 19.72 -14.71 -0.98
C SER B 249 19.81 -13.19 -0.96
N GLU B 250 19.57 -12.59 0.21
CA GLU B 250 19.66 -11.14 0.33
C GLU B 250 21.08 -10.73 -0.05
N GLY B 251 22.05 -11.59 0.29
CA GLY B 251 23.46 -11.33 -0.02
C GLY B 251 23.79 -11.15 -1.49
N VAL B 252 23.25 -12.00 -2.35
CA VAL B 252 23.52 -11.92 -3.78
C VAL B 252 22.92 -10.67 -4.42
N ILE B 253 21.70 -10.34 -4.05
CA ILE B 253 21.08 -9.17 -4.62
C ILE B 253 21.87 -7.93 -4.20
N GLU B 254 22.28 -7.89 -2.94
CA GLU B 254 23.04 -6.76 -2.42
C GLU B 254 24.33 -6.58 -3.23
N ALA B 255 25.02 -7.69 -3.47
CA ALA B 255 26.27 -7.67 -4.23
C ALA B 255 26.08 -7.21 -5.67
N ARG B 256 24.95 -7.60 -6.26
CA ARG B 256 24.68 -7.20 -7.64
C ARG B 256 24.34 -5.72 -7.70
N ILE B 257 23.65 -5.22 -6.68
CA ILE B 257 23.31 -3.80 -6.64
C ILE B 257 24.62 -3.03 -6.60
N ARG B 258 25.51 -3.40 -5.68
CA ARG B 258 26.79 -2.70 -5.55
C ARG B 258 27.65 -2.83 -6.80
N GLU B 259 27.70 -4.04 -7.34
CA GLU B 259 28.49 -4.34 -8.52
C GLU B 259 28.10 -3.45 -9.72
N ARG B 260 26.80 -3.31 -9.95
CA ARG B 260 26.31 -2.54 -11.09
C ARG B 260 26.17 -1.06 -10.82
N ASN B 261 26.60 -0.63 -9.63
CA ASN B 261 26.52 0.78 -9.27
C ASN B 261 25.13 1.33 -9.53
N LEU B 262 24.12 0.53 -9.18
CA LEU B 262 22.74 0.94 -9.38
C LEU B 262 22.37 2.03 -8.38
N ALA B 263 21.89 3.15 -8.90
CA ALA B 263 21.46 4.22 -8.04
C ALA B 263 19.98 3.94 -7.79
N LEU B 264 19.65 3.60 -6.55
CA LEU B 264 18.27 3.31 -6.16
C LEU B 264 17.84 4.33 -5.12
N ARG B 265 16.60 4.78 -5.22
CA ARG B 265 16.07 5.76 -4.27
C ARG B 265 14.97 5.14 -3.40
N HIS B 266 14.41 4.03 -3.86
CA HIS B 266 13.35 3.37 -3.08
C HIS B 266 13.77 2.00 -2.55
N LEU B 267 14.13 1.10 -3.47
CA LEU B 267 14.52 -0.25 -3.09
C LEU B 267 15.87 -0.38 -2.39
N THR B 268 15.98 -1.43 -1.60
CA THR B 268 17.21 -1.82 -0.93
C THR B 268 17.16 -3.33 -1.16
N ALA B 269 18.25 -4.04 -0.97
CA ALA B 269 18.24 -5.48 -1.18
C ALA B 269 17.21 -6.13 -0.26
N PRO B 270 17.24 -5.81 1.05
CA PRO B 270 16.24 -6.46 1.90
C PRO B 270 14.77 -6.08 1.61
N TYR B 271 14.51 -4.85 1.17
CA TYR B 271 13.14 -4.44 0.89
C TYR B 271 12.63 -5.14 -0.37
N LEU B 272 13.49 -5.22 -1.38
CA LEU B 272 13.15 -5.91 -2.62
C LEU B 272 12.75 -7.35 -2.27
N GLU B 273 13.54 -8.02 -1.44
CA GLU B 273 13.23 -9.40 -1.04
C GLU B 273 11.88 -9.46 -0.30
N ALA B 274 11.66 -8.50 0.60
CA ALA B 274 10.42 -8.47 1.36
C ALA B 274 9.16 -8.27 0.52
N MET B 275 9.29 -7.67 -0.67
CA MET B 275 8.09 -7.46 -1.51
C MET B 275 7.46 -8.80 -1.90
N PHE B 276 8.25 -9.86 -1.84
CA PHE B 276 7.78 -11.20 -2.21
C PHE B 276 7.09 -11.92 -1.06
N VAL B 277 7.11 -11.32 0.13
CA VAL B 277 6.42 -11.92 1.28
C VAL B 277 5.00 -11.39 1.28
N LEU B 278 4.04 -12.30 1.07
CA LEU B 278 2.63 -11.93 0.96
C LEU B 278 1.77 -12.30 2.15
N PRO B 279 0.66 -11.57 2.36
CA PRO B 279 -0.22 -11.86 3.49
C PRO B 279 -1.11 -13.07 3.17
N LYS B 280 -1.72 -13.65 4.20
CA LYS B 280 -2.57 -14.82 4.05
C LYS B 280 -3.71 -14.66 3.05
N ASP B 281 -4.40 -13.53 3.14
CA ASP B 281 -5.52 -13.31 2.23
C ASP B 281 -5.08 -13.23 0.77
N LEU B 282 -3.97 -12.57 0.49
CA LEU B 282 -3.52 -12.48 -0.90
C LEU B 282 -3.10 -13.85 -1.40
N LEU B 283 -2.37 -14.58 -0.55
CA LEU B 283 -1.94 -15.93 -0.92
C LEU B 283 -3.13 -16.81 -1.28
N GLU B 284 -4.19 -16.75 -0.47
CA GLU B 284 -5.36 -17.54 -0.73
C GLU B 284 -6.03 -17.10 -2.03
N ALA B 285 -6.13 -15.79 -2.27
CA ALA B 285 -6.73 -15.30 -3.50
C ALA B 285 -5.93 -15.81 -4.71
N LEU B 286 -4.60 -15.75 -4.63
CA LEU B 286 -3.77 -16.23 -5.71
C LEU B 286 -4.00 -17.74 -5.94
N GLU B 287 -3.97 -18.51 -4.85
CA GLU B 287 -4.15 -19.96 -4.86
C GLU B 287 -5.47 -20.45 -5.44
N LYS B 288 -6.57 -19.80 -5.06
CA LYS B 288 -7.87 -20.26 -5.53
C LYS B 288 -8.30 -19.81 -6.91
N GLU B 289 -7.62 -18.81 -7.47
CA GLU B 289 -7.98 -18.30 -8.79
C GLU B 289 -7.93 -19.36 -9.88
N THR B 290 -9.00 -19.44 -10.69
CA THR B 290 -9.05 -20.42 -11.77
C THR B 290 -9.08 -19.80 -13.17
N MET B 291 -9.34 -18.50 -13.28
CA MET B 291 -9.41 -17.88 -14.60
C MET B 291 -8.08 -17.79 -15.34
N VAL B 292 -8.06 -18.32 -16.56
CA VAL B 292 -6.87 -18.31 -17.41
C VAL B 292 -7.27 -17.61 -18.71
N SER B 293 -6.67 -16.45 -18.97
CA SER B 293 -6.97 -15.70 -20.19
C SER B 293 -6.31 -16.40 -21.37
N THR B 294 -7.09 -16.59 -22.44
CA THR B 294 -6.60 -17.24 -23.65
C THR B 294 -7.10 -16.48 -24.87
N ASP B 295 -6.44 -16.68 -26.00
CA ASP B 295 -6.86 -16.03 -27.24
C ASP B 295 -8.30 -16.41 -27.55
N GLN B 296 -8.67 -17.63 -27.21
CA GLN B 296 -10.04 -18.08 -27.45
C GLN B 296 -11.03 -17.31 -26.56
N ASN B 297 -10.67 -17.13 -25.29
CA ASN B 297 -11.51 -16.42 -24.32
C ASN B 297 -10.63 -15.45 -23.54
N PRO B 298 -10.21 -14.34 -24.17
CA PRO B 298 -9.35 -13.39 -23.47
C PRO B 298 -10.09 -12.67 -22.33
N PHE B 299 -9.39 -12.46 -21.22
CA PHE B 299 -10.01 -11.76 -20.11
C PHE B 299 -9.94 -10.26 -20.36
N TYR B 300 -10.87 -9.53 -19.77
CA TYR B 300 -10.90 -8.08 -19.86
C TYR B 300 -11.50 -7.52 -18.58
N VAL B 301 -11.37 -6.22 -18.39
CA VAL B 301 -11.90 -5.60 -17.19
C VAL B 301 -13.23 -4.92 -17.49
N THR B 302 -14.27 -5.34 -16.78
CA THR B 302 -15.62 -4.80 -16.96
C THR B 302 -15.75 -3.40 -16.35
N PRO B 303 -16.79 -2.65 -16.75
CA PRO B 303 -16.97 -1.32 -16.18
C PRO B 303 -17.08 -1.35 -14.66
N GLU B 304 -17.29 -2.53 -14.08
CA GLU B 304 -17.36 -2.69 -12.63
C GLU B 304 -15.98 -3.06 -12.09
N GLY B 305 -14.97 -2.91 -12.94
CA GLY B 305 -13.61 -3.23 -12.53
C GLY B 305 -13.38 -4.70 -12.23
N GLU B 306 -14.21 -5.57 -12.79
CA GLU B 306 -14.05 -7.01 -12.58
C GLU B 306 -13.41 -7.70 -13.78
N ALA B 307 -12.73 -8.81 -13.49
CA ALA B 307 -12.07 -9.59 -14.54
C ALA B 307 -13.12 -10.54 -15.11
N ARG B 308 -13.37 -10.42 -16.40
CA ARG B 308 -14.34 -11.29 -17.03
C ARG B 308 -13.76 -11.85 -18.32
N GLN B 309 -14.29 -12.98 -18.75
CA GLN B 309 -13.86 -13.65 -19.98
C GLN B 309 -15.01 -13.71 -20.98
N ALA B 310 -14.68 -13.72 -22.25
CA ALA B 310 -15.67 -13.82 -23.32
C ALA B 310 -14.96 -14.17 -24.62
N PRO B 311 -15.61 -14.97 -25.49
CA PRO B 311 -15.00 -15.35 -26.76
C PRO B 311 -14.65 -14.14 -27.62
N TYR B 312 -13.44 -14.14 -28.13
CA TYR B 312 -12.95 -13.05 -28.97
C TYR B 312 -13.68 -13.01 -30.29
N LYS B 313 -13.81 -11.82 -30.86
CA LYS B 313 -14.44 -11.60 -32.14
C LYS B 313 -15.73 -12.42 -32.32
#